data_3L86
#
_entry.id   3L86
#
_cell.length_a   57.190
_cell.length_b   94.760
_cell.length_c   47.580
_cell.angle_alpha   90.00
_cell.angle_beta   90.00
_cell.angle_gamma   90.00
#
_symmetry.space_group_name_H-M   'P 21 21 2'
#
loop_
_entity.id
_entity.type
_entity.pdbx_description
1 polymer 'Acetylglutamate kinase'
2 non-polymer "ADENOSINE-5'-DIPHOSPHATE"
3 non-polymer N-ACETYL-L-GLUTAMATE
4 non-polymer 'MAGNESIUM ION'
5 water water
#
_entity_poly.entity_id   1
_entity_poly.type   'polypeptide(L)'
_entity_poly.pdbx_seq_one_letter_code
;MGSSHHHHHHSSGLVPRGSHMASMTGGQQMGRGSMKDIIVIKIGGVASQQLSGDFLSQIKNWQDAGKQLVIVHGGGFAIN
KLMEENQVPVKKINGLRVTSKDDMVLVSHALLDLVGKNLQEKLRQAGVSCQQLKSDIKHVVAADYLDKDTYGYVGDVTHI
NKRVIEEFLENRQIPILASLGYSKEGDMLNINADYLATAVAVALAADKLILMTNVKGVLENGAVLEKITSHQVQEKIDTA
VITAGMIPKIESAAKTVAAGVGQVLIGDNLLTGTLITAD
;
_entity_poly.pdbx_strand_id   A
#
loop_
_chem_comp.id
_chem_comp.type
_chem_comp.name
_chem_comp.formula
ADP non-polymer ADENOSINE-5'-DIPHOSPHATE 'C10 H15 N5 O10 P2'
MG non-polymer 'MAGNESIUM ION' 'Mg 2'
NLG non-polymer N-ACETYL-L-GLUTAMATE 'C7 H11 N O5'
#
# COMPACT_ATOMS: atom_id res chain seq x y z
N MET A 35 2.68 -19.74 10.91
CA MET A 35 1.88 -19.52 9.74
C MET A 35 0.41 -19.42 10.06
N LYS A 36 -0.06 -18.22 10.17
CA LYS A 36 -1.46 -17.86 10.05
C LYS A 36 -2.04 -18.05 8.59
N ASP A 37 -1.24 -18.29 7.52
CA ASP A 37 -1.80 -18.39 6.19
C ASP A 37 -2.56 -17.10 5.84
N ILE A 38 -1.88 -15.97 5.98
CA ILE A 38 -2.33 -14.60 5.71
C ILE A 38 -1.18 -13.89 4.99
N ILE A 39 -1.47 -13.34 3.79
CA ILE A 39 -0.54 -12.42 3.09
C ILE A 39 -1.23 -11.09 2.69
N VAL A 40 -0.58 -9.98 3.04
CA VAL A 40 -1.00 -8.65 2.58
C VAL A 40 -0.20 -8.26 1.32
N ILE A 41 -0.91 -7.91 0.24
CA ILE A 41 -0.30 -7.42 -1.03
C ILE A 41 -0.63 -5.93 -1.24
N LYS A 42 0.41 -5.09 -1.23
CA LYS A 42 0.24 -3.67 -1.54
C LYS A 42 0.66 -3.42 -3.01
N ILE A 43 -0.19 -2.76 -3.77
CA ILE A 43 0.04 -2.58 -5.23
C ILE A 43 0.20 -1.08 -5.53
N GLY A 44 1.37 -0.68 -6.10
CA GLY A 44 1.66 0.76 -6.48
C GLY A 44 0.90 1.35 -7.68
N GLY A 45 1.08 2.63 -7.98
CA GLY A 45 0.31 3.28 -9.09
C GLY A 45 0.52 2.63 -10.45
N VAL A 46 1.75 2.73 -10.97
CA VAL A 46 2.11 2.11 -12.27
C VAL A 46 1.82 0.57 -12.27
N ALA A 47 2.25 -0.10 -11.20
CA ALA A 47 2.18 -1.55 -11.09
C ALA A 47 0.75 -2.03 -11.26
N SER A 48 -0.22 -1.26 -10.77
CA SER A 48 -1.63 -1.70 -10.90
C SER A 48 -2.21 -1.59 -12.32
N GLN A 49 -1.47 -0.96 -13.26
CA GLN A 49 -1.95 -0.73 -14.62
C GLN A 49 -1.33 -1.73 -15.60
N GLN A 50 -0.49 -2.62 -15.09
CA GLN A 50 0.22 -3.61 -15.90
C GLN A 50 0.18 -5.04 -15.31
N LEU A 51 -0.91 -5.45 -14.65
CA LEU A 51 -0.94 -6.74 -13.95
C LEU A 51 -0.82 -7.92 -14.91
N SER A 52 0.14 -8.81 -14.66
CA SER A 52 0.41 -9.88 -15.61
C SER A 52 -0.53 -11.12 -15.48
N GLY A 53 -0.46 -12.01 -16.47
CA GLY A 53 -1.07 -13.35 -16.35
C GLY A 53 -0.50 -14.12 -15.16
N ASP A 54 0.81 -14.06 -14.94
CA ASP A 54 1.38 -14.74 -13.76
C ASP A 54 0.72 -14.23 -12.46
N PHE A 55 0.58 -12.90 -12.37
CA PHE A 55 0.04 -12.24 -11.15
C PHE A 55 -1.37 -12.72 -10.88
N LEU A 56 -2.24 -12.52 -11.87
CA LEU A 56 -3.64 -12.94 -11.75
C LEU A 56 -3.83 -14.46 -11.40
N SER A 57 -3.13 -15.37 -12.07
CA SER A 57 -3.16 -16.82 -11.66
C SER A 57 -2.65 -17.11 -10.25
N GLN A 58 -1.57 -16.45 -9.86
CA GLN A 58 -1.00 -16.66 -8.52
C GLN A 58 -1.98 -16.25 -7.44
N ILE A 59 -2.61 -15.07 -7.60
CA ILE A 59 -3.69 -14.69 -6.68
C ILE A 59 -4.83 -15.75 -6.63
N LYS A 60 -5.42 -16.11 -7.78
CA LYS A 60 -6.53 -17.09 -7.81
C LYS A 60 -6.11 -18.42 -7.14
N ASN A 61 -4.91 -18.91 -7.45
CA ASN A 61 -4.40 -20.21 -6.89
C ASN A 61 -4.19 -20.13 -5.39
N TRP A 62 -3.61 -19.02 -4.89
CA TRP A 62 -3.59 -18.84 -3.43
C TRP A 62 -5.00 -18.86 -2.82
N GLN A 63 -5.95 -18.16 -3.44
CA GLN A 63 -7.30 -18.08 -2.89
C GLN A 63 -7.95 -19.48 -2.93
N ASP A 64 -7.82 -20.19 -4.03
CA ASP A 64 -8.31 -21.61 -4.10
C ASP A 64 -7.65 -22.62 -3.15
N ALA A 65 -6.41 -22.32 -2.68
CA ALA A 65 -5.69 -23.16 -1.72
C ALA A 65 -5.98 -22.75 -0.29
N GLY A 66 -6.90 -21.78 -0.12
CA GLY A 66 -7.31 -21.46 1.22
C GLY A 66 -6.54 -20.30 1.88
N LYS A 67 -5.61 -19.67 1.22
CA LYS A 67 -4.89 -18.56 1.78
C LYS A 67 -5.79 -17.33 2.03
N GLN A 68 -5.58 -16.57 3.10
CA GLN A 68 -6.39 -15.34 3.29
C GLN A 68 -5.60 -14.14 2.78
N LEU A 69 -6.20 -13.36 1.88
CA LEU A 69 -5.46 -12.33 1.16
C LEU A 69 -6.14 -10.97 1.41
N VAL A 70 -5.34 -9.92 1.66
CA VAL A 70 -5.89 -8.54 1.75
C VAL A 70 -5.06 -7.69 0.80
N ILE A 71 -5.70 -6.88 -0.05
CA ILE A 71 -5.02 -5.99 -1.01
C ILE A 71 -5.21 -4.49 -0.62
N VAL A 72 -4.07 -3.79 -0.54
CA VAL A 72 -3.97 -2.32 -0.32
C VAL A 72 -3.32 -1.79 -1.62
N HIS A 73 -3.74 -0.59 -2.05
CA HIS A 73 -3.22 0.06 -3.23
C HIS A 73 -3.11 1.60 -3.05
N GLY A 74 -2.15 2.18 -3.78
CA GLY A 74 -2.02 3.66 -3.90
C GLY A 74 -2.39 4.16 -5.30
N GLY A 75 -1.67 5.18 -5.78
CA GLY A 75 -2.00 5.81 -7.07
C GLY A 75 -1.32 7.15 -7.37
N GLY A 76 -0.12 7.36 -6.85
CA GLY A 76 0.58 8.66 -7.06
C GLY A 76 0.61 9.15 -8.52
N PHE A 77 1.01 8.27 -9.43
CA PHE A 77 1.12 8.56 -10.86
C PHE A 77 -0.24 9.10 -11.43
N ALA A 78 -1.35 8.43 -11.08
CA ALA A 78 -2.71 8.93 -11.39
C ALA A 78 -3.16 10.26 -10.79
N ILE A 79 -2.90 10.49 -9.49
CA ILE A 79 -3.18 11.75 -8.84
C ILE A 79 -2.37 12.91 -9.53
N ASN A 80 -1.10 12.63 -9.87
CA ASN A 80 -0.25 13.62 -10.54
C ASN A 80 -0.89 14.06 -11.86
N LYS A 81 -1.27 13.09 -12.66
CA LYS A 81 -1.89 13.32 -13.97
C LYS A 81 -3.08 14.23 -13.76
N LEU A 82 -4.02 13.74 -12.96
CA LEU A 82 -5.20 14.52 -12.61
C LEU A 82 -4.93 15.94 -12.11
N MET A 83 -3.91 16.12 -11.30
CA MET A 83 -3.63 17.49 -10.87
C MET A 83 -3.28 18.41 -12.03
N GLU A 84 -2.57 17.86 -13.01
CA GLU A 84 -2.12 18.63 -14.17
C GLU A 84 -3.36 18.99 -14.99
N GLU A 85 -4.09 17.96 -15.45
CA GLU A 85 -5.36 18.10 -16.16
C GLU A 85 -6.38 19.05 -15.56
N ASN A 86 -6.24 19.31 -14.27
CA ASN A 86 -7.04 20.23 -13.47
C ASN A 86 -6.25 21.45 -12.95
N GLN A 87 -5.10 21.69 -13.55
CA GLN A 87 -4.20 22.81 -13.19
C GLN A 87 -3.73 23.16 -11.75
N VAL A 88 -3.53 22.17 -10.88
CA VAL A 88 -2.88 22.28 -9.56
C VAL A 88 -1.42 21.77 -9.53
N PRO A 89 -0.54 22.38 -8.75
CA PRO A 89 0.87 22.08 -8.58
C PRO A 89 1.18 21.00 -7.58
N VAL A 90 1.87 20.00 -8.05
CA VAL A 90 2.36 18.91 -7.29
C VAL A 90 3.57 19.36 -6.52
N LYS A 91 3.43 19.34 -5.20
CA LYS A 91 4.46 19.51 -4.23
C LYS A 91 4.48 18.38 -3.24
N LYS A 92 5.66 17.81 -3.10
CA LYS A 92 5.96 16.76 -2.17
C LYS A 92 7.09 17.18 -1.24
N ILE A 93 7.09 16.60 -0.04
CA ILE A 93 8.05 16.90 0.99
C ILE A 93 8.40 15.59 1.65
N ASN A 94 9.66 15.16 1.53
CA ASN A 94 10.06 13.93 2.20
C ASN A 94 9.26 12.78 1.61
N GLY A 95 9.04 12.83 0.30
CA GLY A 95 8.24 11.83 -0.40
C GLY A 95 6.72 11.82 -0.11
N LEU A 96 6.23 12.78 0.67
CA LEU A 96 4.76 12.85 1.00
C LEU A 96 4.10 14.06 0.32
N ARG A 97 2.94 13.87 -0.30
CA ARG A 97 2.23 14.96 -1.05
C ARG A 97 1.57 15.93 -0.08
N VAL A 98 1.85 17.23 -0.23
CA VAL A 98 1.17 18.29 0.48
C VAL A 98 -0.26 18.38 -0.08
N THR A 99 -1.29 18.23 0.79
CA THR A 99 -2.68 18.00 0.30
C THR A 99 -3.68 18.94 0.96
N SER A 100 -4.23 19.90 0.22
CA SER A 100 -5.23 20.78 0.82
C SER A 100 -6.59 20.10 0.88
N LYS A 101 -7.53 20.67 1.63
CA LYS A 101 -8.88 20.11 1.62
C LYS A 101 -9.54 20.04 0.20
N ASP A 102 -9.35 21.08 -0.62
CA ASP A 102 -9.80 21.02 -2.01
C ASP A 102 -9.09 19.89 -2.79
N ASP A 103 -7.82 19.67 -2.53
CA ASP A 103 -7.06 18.60 -3.13
C ASP A 103 -7.65 17.17 -2.92
N MET A 104 -8.29 16.96 -1.80
CA MET A 104 -8.83 15.67 -1.40
C MET A 104 -9.90 15.19 -2.37
N VAL A 105 -10.65 16.13 -2.95
CA VAL A 105 -11.63 15.74 -4.00
C VAL A 105 -10.90 15.01 -5.16
N LEU A 106 -9.76 15.56 -5.58
CA LEU A 106 -8.94 14.96 -6.64
C LEU A 106 -8.33 13.61 -6.21
N VAL A 107 -7.77 13.58 -4.99
CA VAL A 107 -7.10 12.37 -4.45
C VAL A 107 -8.09 11.17 -4.40
N SER A 108 -9.27 11.37 -3.81
CA SER A 108 -10.22 10.27 -3.66
C SER A 108 -10.79 9.83 -5.00
N HIS A 109 -11.04 10.78 -5.91
CA HIS A 109 -11.47 10.40 -7.28
C HIS A 109 -10.41 9.54 -8.03
N ALA A 110 -9.14 9.94 -8.02
CA ALA A 110 -8.14 9.10 -8.71
C ALA A 110 -8.01 7.69 -8.06
N LEU A 111 -7.94 7.65 -6.73
CA LEU A 111 -7.76 6.37 -6.04
C LEU A 111 -8.96 5.40 -6.21
N LEU A 112 -10.20 5.87 -5.95
CA LEU A 112 -11.39 5.02 -6.06
C LEU A 112 -11.83 4.74 -7.50
N ASP A 113 -11.89 5.78 -8.34
CA ASP A 113 -12.57 5.62 -9.64
C ASP A 113 -11.59 5.28 -10.75
N LEU A 114 -10.36 5.83 -10.63
CA LEU A 114 -9.30 5.66 -11.67
C LEU A 114 -8.24 4.55 -11.42
N VAL A 115 -8.09 4.08 -10.19
CA VAL A 115 -7.21 2.92 -9.91
C VAL A 115 -7.99 1.71 -9.33
N GLY A 116 -8.75 1.95 -8.27
CA GLY A 116 -9.38 0.84 -7.53
C GLY A 116 -10.39 0.05 -8.34
N LYS A 117 -11.24 0.74 -9.11
CA LYS A 117 -12.27 0.07 -9.93
C LYS A 117 -11.66 -0.84 -11.01
N ASN A 118 -10.59 -0.38 -11.67
CA ASN A 118 -9.82 -1.23 -12.59
C ASN A 118 -9.22 -2.54 -11.95
N LEU A 119 -8.62 -2.40 -10.74
CA LEU A 119 -8.13 -3.55 -9.97
C LEU A 119 -9.22 -4.58 -9.76
N GLN A 120 -10.36 -4.14 -9.21
CA GLN A 120 -11.48 -5.05 -9.01
C GLN A 120 -11.98 -5.72 -10.31
N GLU A 121 -12.07 -4.96 -11.41
CA GLU A 121 -12.53 -5.53 -12.69
C GLU A 121 -11.50 -6.58 -13.26
N LYS A 122 -10.20 -6.27 -13.30
CA LYS A 122 -9.21 -7.26 -13.79
C LYS A 122 -9.21 -8.58 -12.98
N LEU A 123 -9.30 -8.45 -11.64
CA LEU A 123 -9.36 -9.63 -10.76
C LEU A 123 -10.67 -10.45 -10.95
N ARG A 124 -11.83 -9.78 -10.93
CA ARG A 124 -13.08 -10.49 -11.20
C ARG A 124 -13.11 -11.16 -12.57
N GLN A 125 -12.64 -10.49 -13.60
CA GLN A 125 -12.57 -11.09 -14.91
C GLN A 125 -11.67 -12.33 -14.89
N ALA A 126 -10.73 -12.39 -13.97
CA ALA A 126 -9.90 -13.57 -13.91
C ALA A 126 -10.45 -14.66 -13.00
N GLY A 127 -11.67 -14.52 -12.46
CA GLY A 127 -12.24 -15.53 -11.58
C GLY A 127 -11.93 -15.38 -10.08
N VAL A 128 -11.20 -14.33 -9.68
CA VAL A 128 -11.00 -14.01 -8.25
C VAL A 128 -12.22 -13.34 -7.59
N SER A 129 -12.62 -13.85 -6.43
CA SER A 129 -13.68 -13.25 -5.65
C SER A 129 -13.12 -12.14 -4.73
N CYS A 130 -13.61 -10.91 -4.91
CA CYS A 130 -13.04 -9.70 -4.26
C CYS A 130 -14.09 -8.55 -4.27
N GLN A 131 -13.82 -7.49 -3.51
CA GLN A 131 -14.77 -6.36 -3.39
C GLN A 131 -14.02 -5.07 -3.02
N GLN A 132 -14.18 -4.00 -3.77
CA GLN A 132 -13.66 -2.66 -3.36
C GLN A 132 -14.45 -2.12 -2.16
N LEU A 133 -13.77 -1.75 -1.05
CA LEU A 133 -14.46 -0.95 -0.01
C LEU A 133 -14.65 0.52 -0.40
N LYS A 134 -15.87 1.07 -0.18
CA LYS A 134 -16.08 2.52 -0.42
C LYS A 134 -16.61 3.13 0.88
N SER A 135 -17.91 2.96 1.16
CA SER A 135 -18.45 3.46 2.45
C SER A 135 -17.92 2.71 3.67
N ASP A 136 -17.63 1.40 3.50
CA ASP A 136 -16.92 0.62 4.55
C ASP A 136 -15.53 1.19 4.93
N ILE A 137 -14.93 2.05 4.12
CA ILE A 137 -13.60 2.58 4.55
C ILE A 137 -13.59 3.24 5.94
N LYS A 138 -14.57 4.10 6.21
CA LYS A 138 -14.64 4.79 7.51
C LYS A 138 -14.85 3.83 8.71
N HIS A 139 -15.33 2.61 8.48
CA HIS A 139 -15.40 1.68 9.59
C HIS A 139 -14.16 0.80 9.73
N VAL A 140 -13.15 0.99 8.87
CA VAL A 140 -11.95 0.14 9.01
C VAL A 140 -10.70 0.94 9.37
N VAL A 141 -10.47 2.06 8.67
CA VAL A 141 -9.20 2.81 8.87
C VAL A 141 -9.44 4.14 9.62
N ALA A 142 -8.95 4.21 10.85
CA ALA A 142 -8.87 5.48 11.59
C ALA A 142 -7.51 6.08 11.44
N ALA A 143 -7.47 7.43 11.34
CA ALA A 143 -6.26 8.24 11.17
C ALA A 143 -6.29 9.60 11.92
N ASP A 144 -5.14 10.27 12.02
CA ASP A 144 -5.07 11.67 12.48
C ASP A 144 -4.10 12.45 11.56
N TYR A 145 -4.07 13.80 11.65
CA TYR A 145 -3.20 14.68 10.80
C TYR A 145 -1.78 14.48 11.20
N LEU A 146 -0.94 14.22 10.24
CA LEU A 146 0.45 14.06 10.46
C LEU A 146 1.08 15.36 11.02
N ASP A 147 0.70 16.50 10.43
CA ASP A 147 1.24 17.85 10.67
C ASP A 147 0.56 18.83 9.75
N LYS A 148 -0.58 19.30 10.19
CA LYS A 148 -1.45 20.16 9.38
C LYS A 148 -0.75 21.30 8.73
N ASP A 149 0.05 22.07 9.50
CA ASP A 149 0.72 23.27 8.92
C ASP A 149 1.72 22.90 7.81
N THR A 150 2.40 21.76 7.94
CA THR A 150 3.28 21.34 6.83
C THR A 150 2.64 20.60 5.65
N TYR A 151 1.75 19.63 5.92
CA TYR A 151 1.24 18.71 4.90
C TYR A 151 -0.25 18.88 4.64
N GLY A 152 -1.00 19.59 5.49
CA GLY A 152 -2.44 19.70 5.20
C GLY A 152 -3.23 18.44 5.64
N TYR A 153 -4.03 17.88 4.72
CA TYR A 153 -4.90 16.71 4.95
C TYR A 153 -4.20 15.33 4.77
N VAL A 154 -2.94 15.24 5.14
CA VAL A 154 -2.19 13.95 5.18
C VAL A 154 -2.33 13.26 6.56
N GLY A 155 -2.73 12.00 6.54
CA GLY A 155 -2.93 11.28 7.76
C GLY A 155 -1.87 10.26 8.10
N ASP A 156 -1.82 9.89 9.39
CA ASP A 156 -1.01 8.77 9.91
C ASP A 156 -2.05 7.78 10.49
N VAL A 157 -2.01 6.49 10.14
CA VAL A 157 -2.98 5.51 10.68
C VAL A 157 -3.03 5.45 12.21
N THR A 158 -4.20 5.57 12.84
CA THR A 158 -4.23 5.41 14.30
C THR A 158 -4.82 4.06 14.73
N HIS A 159 -5.69 3.45 13.93
CA HIS A 159 -6.20 2.10 14.33
C HIS A 159 -6.81 1.44 13.13
N ILE A 160 -6.61 0.11 13.06
CA ILE A 160 -7.32 -0.74 12.10
C ILE A 160 -8.40 -1.63 12.82
N ASN A 161 -9.68 -1.47 12.45
CA ASN A 161 -10.77 -2.35 12.96
C ASN A 161 -10.79 -3.69 12.19
N LYS A 162 -10.18 -4.72 12.80
CA LYS A 162 -10.00 -6.07 12.22
C LYS A 162 -11.33 -6.78 11.90
N ARG A 163 -12.34 -6.58 12.77
CA ARG A 163 -13.64 -7.28 12.67
C ARG A 163 -14.30 -7.18 11.30
N VAL A 164 -14.26 -6.02 10.68
CA VAL A 164 -14.85 -5.93 9.34
C VAL A 164 -14.01 -6.42 8.15
N ILE A 165 -12.68 -6.44 8.29
CA ILE A 165 -11.83 -7.17 7.32
C ILE A 165 -12.09 -8.70 7.51
N GLU A 166 -12.24 -9.12 8.76
CA GLU A 166 -12.47 -10.55 9.07
C GLU A 166 -13.80 -11.09 8.48
N GLU A 167 -14.82 -10.25 8.31
CA GLU A 167 -16.08 -10.68 7.68
C GLU A 167 -15.93 -11.03 6.22
N PHE A 168 -15.14 -10.22 5.51
CA PHE A 168 -14.81 -10.53 4.12
C PHE A 168 -14.01 -11.81 4.09
N LEU A 169 -12.97 -11.94 4.92
CA LEU A 169 -12.14 -13.13 4.79
C LEU A 169 -12.96 -14.39 5.15
N GLU A 170 -13.82 -14.29 6.17
CA GLU A 170 -14.58 -15.46 6.60
C GLU A 170 -15.47 -15.85 5.46
N ASN A 171 -15.66 -14.91 4.55
CA ASN A 171 -16.56 -15.11 3.44
C ASN A 171 -15.78 -15.53 2.17
N ARG A 172 -14.49 -15.81 2.30
CA ARG A 172 -13.63 -16.12 1.17
C ARG A 172 -13.74 -15.06 0.09
N GLN A 173 -13.60 -13.77 0.39
CA GLN A 173 -13.64 -12.68 -0.61
C GLN A 173 -12.44 -11.78 -0.25
N ILE A 174 -11.71 -11.26 -1.25
CA ILE A 174 -10.54 -10.40 -0.93
C ILE A 174 -11.00 -8.95 -0.82
N PRO A 175 -10.83 -8.35 0.37
CA PRO A 175 -11.10 -6.90 0.40
C PRO A 175 -10.00 -6.10 -0.30
N ILE A 176 -10.41 -5.15 -1.16
CA ILE A 176 -9.51 -4.15 -1.78
C ILE A 176 -9.64 -2.73 -1.12
N LEU A 177 -8.54 -2.27 -0.52
CA LEU A 177 -8.48 -0.99 0.20
C LEU A 177 -7.60 0.07 -0.41
N ALA A 178 -8.21 1.17 -0.82
CA ALA A 178 -7.45 2.38 -1.24
C ALA A 178 -6.75 3.05 -0.05
N SER A 179 -5.70 3.87 -0.34
CA SER A 179 -4.95 4.49 0.74
C SER A 179 -5.62 5.79 1.27
N LEU A 180 -6.68 5.59 2.07
CA LEU A 180 -7.54 6.65 2.64
C LEU A 180 -7.94 6.23 4.06
N GLY A 181 -8.03 7.20 4.97
CA GLY A 181 -8.55 6.93 6.30
C GLY A 181 -9.43 8.09 6.81
N TYR A 182 -9.95 7.96 8.01
CA TYR A 182 -10.90 8.99 8.53
C TYR A 182 -10.54 9.51 9.94
N SER A 183 -10.56 10.81 10.14
CA SER A 183 -10.27 11.42 11.47
C SER A 183 -11.40 11.12 12.47
N LYS A 184 -11.14 11.29 13.77
CA LYS A 184 -12.21 11.14 14.77
C LYS A 184 -13.42 12.05 14.45
N GLU A 185 -13.21 13.21 13.84
CA GLU A 185 -14.36 14.06 13.48
C GLU A 185 -15.08 13.68 12.16
N GLY A 186 -14.52 12.71 11.44
CA GLY A 186 -15.19 12.21 10.27
C GLY A 186 -14.67 12.75 8.97
N ASP A 187 -13.55 13.47 9.02
CA ASP A 187 -12.96 13.96 7.80
C ASP A 187 -12.06 12.92 7.11
N MET A 188 -12.21 12.79 5.78
CA MET A 188 -11.34 11.96 4.95
C MET A 188 -9.91 12.50 4.84
N LEU A 189 -8.88 11.65 5.03
CA LEU A 189 -7.46 12.04 4.93
C LEU A 189 -6.67 11.20 3.91
N ASN A 190 -5.62 11.78 3.31
CA ASN A 190 -4.76 11.12 2.30
C ASN A 190 -3.65 10.36 3.07
N ILE A 191 -3.56 9.03 2.91
CA ILE A 191 -2.53 8.23 3.63
C ILE A 191 -1.52 7.65 2.65
N ASN A 192 -0.22 7.89 2.82
CA ASN A 192 0.80 7.23 1.94
C ASN A 192 0.49 5.70 1.91
N ALA A 193 0.49 5.05 0.73
CA ALA A 193 -0.01 3.63 0.68
C ALA A 193 0.85 2.65 1.45
N ASP A 194 2.16 2.91 1.49
CA ASP A 194 3.11 2.09 2.28
C ASP A 194 2.82 2.12 3.79
N TYR A 195 2.47 3.28 4.31
CA TYR A 195 2.08 3.44 5.71
C TYR A 195 0.83 2.58 5.99
N LEU A 196 -0.17 2.68 5.12
CA LEU A 196 -1.40 1.88 5.32
C LEU A 196 -1.12 0.35 5.30
N ALA A 197 -0.32 -0.11 4.32
CA ALA A 197 0.13 -1.50 4.25
C ALA A 197 0.79 -2.01 5.54
N THR A 198 1.72 -1.23 6.15
CA THR A 198 2.34 -1.61 7.48
C THR A 198 1.26 -1.82 8.57
N ALA A 199 0.34 -0.87 8.68
CA ALA A 199 -0.68 -0.94 9.71
C ALA A 199 -1.60 -2.17 9.56
N VAL A 200 -1.97 -2.44 8.31
CA VAL A 200 -2.81 -3.57 8.01
C VAL A 200 -2.09 -4.89 8.29
N ALA A 201 -0.86 -5.03 7.76
CA ALA A 201 -0.04 -6.28 7.98
C ALA A 201 0.20 -6.56 9.49
N VAL A 202 0.54 -5.49 10.23
CA VAL A 202 0.77 -5.61 11.67
C VAL A 202 -0.53 -5.95 12.43
N ALA A 203 -1.63 -5.22 12.16
CA ALA A 203 -2.93 -5.55 12.79
C ALA A 203 -3.38 -7.01 12.60
N LEU A 204 -3.20 -7.57 11.40
CA LEU A 204 -3.54 -8.99 11.16
C LEU A 204 -2.48 -10.04 11.59
N ALA A 205 -1.34 -9.59 12.09
CA ALA A 205 -0.20 -10.48 12.30
C ALA A 205 0.01 -11.35 11.04
N ALA A 206 0.21 -10.69 9.89
CA ALA A 206 0.44 -11.41 8.61
C ALA A 206 1.76 -12.23 8.56
N ASP A 207 1.77 -13.32 7.77
CA ASP A 207 3.00 -14.07 7.52
C ASP A 207 3.97 -13.24 6.73
N LYS A 208 3.47 -12.45 5.77
CA LYS A 208 4.32 -11.75 4.82
C LYS A 208 3.59 -10.52 4.22
N LEU A 209 4.35 -9.46 3.94
CA LEU A 209 3.87 -8.27 3.18
C LEU A 209 4.70 -8.11 1.85
N ILE A 210 4.00 -7.93 0.74
CA ILE A 210 4.63 -7.71 -0.58
C ILE A 210 4.37 -6.24 -0.93
N LEU A 211 5.43 -5.46 -1.11
CA LEU A 211 5.29 -4.10 -1.57
C LEU A 211 5.63 -4.05 -3.08
N MET A 212 4.59 -4.19 -3.92
CA MET A 212 4.81 -4.37 -5.36
C MET A 212 4.81 -3.00 -6.05
N THR A 213 5.82 -2.77 -6.89
CA THR A 213 6.11 -1.44 -7.37
C THR A 213 6.66 -1.56 -8.82
N ASN A 214 7.31 -0.50 -9.32
CA ASN A 214 7.72 -0.53 -10.73
C ASN A 214 9.27 -0.48 -10.91
N VAL A 215 9.96 -1.07 -9.93
CA VAL A 215 11.40 -1.30 -9.98
C VAL A 215 11.61 -2.72 -9.49
N LYS A 216 12.72 -3.36 -9.92
CA LYS A 216 12.97 -4.77 -9.56
C LYS A 216 13.45 -5.09 -8.15
N GLY A 217 13.78 -4.07 -7.37
CA GLY A 217 14.24 -4.32 -6.02
C GLY A 217 14.70 -2.97 -5.51
N VAL A 218 15.35 -2.95 -4.34
CA VAL A 218 16.07 -1.77 -3.88
C VAL A 218 17.45 -1.83 -4.56
N LEU A 219 17.82 -0.77 -5.26
CA LEU A 219 19.03 -0.74 -6.08
C LEU A 219 20.16 -0.03 -5.31
N GLU A 220 21.37 -0.57 -5.42
CA GLU A 220 22.55 0.05 -4.80
C GLU A 220 23.75 -0.27 -5.70
N ASN A 221 24.48 0.78 -6.07
CA ASN A 221 25.69 0.64 -6.94
C ASN A 221 25.39 -0.14 -8.19
N GLY A 222 24.21 0.07 -8.77
CA GLY A 222 23.90 -0.39 -10.13
C GLY A 222 23.44 -1.82 -10.28
N ALA A 223 22.97 -2.41 -9.17
CA ALA A 223 22.43 -3.76 -9.16
C ALA A 223 21.34 -3.85 -8.05
N VAL A 224 20.47 -4.86 -8.14
CA VAL A 224 19.44 -5.12 -7.14
C VAL A 224 20.08 -5.70 -5.86
N LEU A 225 19.73 -5.21 -4.67
CA LEU A 225 20.18 -5.88 -3.45
C LEU A 225 19.31 -7.05 -3.15
N GLU A 226 19.89 -8.23 -3.02
CA GLU A 226 19.08 -9.41 -2.74
C GLU A 226 18.43 -9.42 -1.32
N LYS A 227 19.13 -8.95 -0.29
CA LYS A 227 18.56 -8.97 1.07
C LYS A 227 19.11 -7.84 1.88
N ILE A 228 18.33 -7.43 2.87
CA ILE A 228 18.71 -6.39 3.83
C ILE A 228 17.93 -6.62 5.17
N THR A 229 18.54 -6.30 6.32
CA THR A 229 17.88 -6.50 7.64
C THR A 229 17.47 -5.12 8.11
N SER A 230 16.56 -5.05 9.08
CA SER A 230 15.98 -3.78 9.52
C SER A 230 17.01 -2.84 10.10
N HIS A 231 18.00 -3.44 10.78
CA HIS A 231 19.15 -2.72 11.32
C HIS A 231 20.00 -2.00 10.27
N GLN A 232 19.95 -2.42 9.00
CA GLN A 232 20.73 -1.67 7.95
C GLN A 232 20.05 -0.56 7.14
N VAL A 233 18.72 -0.44 7.21
CA VAL A 233 17.96 0.59 6.46
C VAL A 233 18.30 2.06 6.72
N GLN A 234 18.58 2.43 7.97
CA GLN A 234 18.77 3.85 8.25
C GLN A 234 20.02 4.39 7.57
N GLU A 235 21.03 3.55 7.46
CA GLU A 235 22.32 4.00 6.92
C GLU A 235 22.27 4.11 5.38
N LYS A 236 21.21 3.59 4.74
CA LYS A 236 21.05 3.76 3.28
C LYS A 236 20.19 4.96 2.97
N ILE A 237 19.43 5.42 3.94
CA ILE A 237 18.72 6.66 3.78
C ILE A 237 19.65 7.84 4.18
N ASP A 238 20.68 7.54 4.95
CA ASP A 238 21.64 8.57 5.41
C ASP A 238 22.70 8.83 4.31
N THR A 239 23.27 7.77 3.75
CA THR A 239 24.09 7.87 2.52
C THR A 239 23.33 8.23 1.24
N ALA A 240 22.03 8.45 1.35
CA ALA A 240 21.15 8.71 0.18
C ALA A 240 21.26 7.76 -1.04
N VAL A 241 21.61 6.50 -0.79
CA VAL A 241 21.33 5.39 -1.72
C VAL A 241 19.81 5.35 -2.08
N ILE A 242 18.98 5.48 -1.05
CA ILE A 242 17.51 5.47 -1.17
C ILE A 242 16.87 6.84 -1.10
N THR A 243 16.16 7.26 -2.14
CA THR A 243 15.52 8.59 -2.18
C THR A 243 14.05 8.54 -2.59
N ALA A 244 13.37 9.70 -2.60
CA ALA A 244 11.98 9.82 -3.10
C ALA A 244 10.98 8.75 -2.53
N GLY A 245 10.06 8.24 -3.37
CA GLY A 245 9.07 7.26 -2.89
C GLY A 245 9.62 5.98 -2.28
N MET A 246 10.91 5.68 -2.51
CA MET A 246 11.47 4.44 -1.95
C MET A 246 11.83 4.63 -0.47
N ILE A 247 11.84 5.89 -0.02
CA ILE A 247 11.94 6.25 1.39
C ILE A 247 10.75 5.74 2.25
N PRO A 248 9.54 6.25 2.02
CA PRO A 248 8.42 5.61 2.78
C PRO A 248 8.30 4.09 2.55
N LYS A 249 8.59 3.60 1.33
CA LYS A 249 8.55 2.10 1.09
C LYS A 249 9.47 1.27 2.00
N ILE A 250 10.75 1.66 2.09
CA ILE A 250 11.72 0.90 2.88
C ILE A 250 11.53 1.14 4.40
N GLU A 251 11.06 2.31 4.83
CA GLU A 251 10.70 2.51 6.27
C GLU A 251 9.51 1.64 6.70
N SER A 252 8.47 1.57 5.85
CA SER A 252 7.33 0.65 6.13
C SER A 252 7.80 -0.82 6.22
N ALA A 253 8.67 -1.25 5.29
CA ALA A 253 9.22 -2.61 5.36
C ALA A 253 9.91 -2.89 6.74
N ALA A 254 10.75 -1.94 7.19
CA ALA A 254 11.47 -2.12 8.45
C ALA A 254 10.57 -2.17 9.70
N LYS A 255 9.57 -1.30 9.74
CA LYS A 255 8.57 -1.20 10.83
C LYS A 255 7.70 -2.48 10.94
N THR A 256 7.41 -3.09 9.78
CA THR A 256 6.64 -4.36 9.64
C THR A 256 7.36 -5.58 10.22
N VAL A 257 8.62 -5.83 9.81
CA VAL A 257 9.40 -6.93 10.37
C VAL A 257 9.76 -6.73 11.86
N ALA A 258 10.00 -5.49 12.24
CA ALA A 258 10.27 -5.12 13.63
C ALA A 258 9.08 -5.46 14.56
N ALA A 259 7.88 -5.61 13.99
CA ALA A 259 6.71 -5.84 14.81
C ALA A 259 6.32 -7.32 14.76
N GLY A 260 7.14 -8.12 14.09
CA GLY A 260 6.99 -9.56 14.12
C GLY A 260 6.53 -10.22 12.80
N VAL A 261 6.21 -9.45 11.77
CA VAL A 261 5.90 -10.03 10.45
C VAL A 261 7.17 -10.70 9.89
N GLY A 262 7.07 -11.96 9.47
CA GLY A 262 8.28 -12.72 9.19
C GLY A 262 9.15 -12.29 8.00
N GLN A 263 8.52 -11.82 6.90
CA GLN A 263 9.23 -11.36 5.70
C GLN A 263 8.51 -10.19 4.96
N VAL A 264 9.26 -9.18 4.47
CA VAL A 264 8.73 -8.21 3.50
C VAL A 264 9.48 -8.34 2.12
N LEU A 265 8.76 -8.32 0.99
CA LEU A 265 9.37 -8.32 -0.35
C LEU A 265 9.11 -7.00 -1.07
N ILE A 266 10.17 -6.34 -1.56
CA ILE A 266 10.09 -5.19 -2.46
C ILE A 266 10.59 -5.61 -3.90
N GLY A 267 9.71 -5.47 -4.91
CA GLY A 267 10.04 -5.81 -6.35
C GLY A 267 8.83 -5.57 -7.27
N ASP A 268 8.93 -6.01 -8.52
CA ASP A 268 7.88 -5.73 -9.50
C ASP A 268 6.91 -6.92 -9.70
N ASN A 269 6.99 -7.91 -8.82
CA ASN A 269 6.14 -9.12 -8.94
C ASN A 269 5.88 -9.75 -7.56
N LEU A 270 5.16 -10.85 -7.51
CA LEU A 270 4.80 -11.48 -6.21
C LEU A 270 5.85 -12.38 -5.58
N LEU A 271 6.92 -12.73 -6.33
CA LEU A 271 7.82 -13.84 -5.87
C LEU A 271 9.33 -13.48 -5.70
N THR A 272 9.87 -12.61 -6.58
CA THR A 272 11.33 -12.25 -6.56
C THR A 272 11.61 -10.74 -6.42
N GLY A 273 12.78 -10.36 -5.90
CA GLY A 273 13.10 -8.95 -5.59
C GLY A 273 14.02 -8.78 -4.38
N THR A 274 13.84 -7.76 -3.58
CA THR A 274 14.68 -7.64 -2.38
C THR A 274 13.93 -8.14 -1.14
N LEU A 275 14.51 -9.09 -0.39
CA LEU A 275 13.94 -9.54 0.89
C LEU A 275 14.42 -8.81 2.14
N ILE A 276 13.48 -8.38 2.96
CA ILE A 276 13.76 -7.65 4.20
C ILE A 276 13.31 -8.47 5.42
N THR A 277 14.18 -8.66 6.42
CA THR A 277 13.85 -9.39 7.65
C THR A 277 14.35 -8.62 8.88
N ALA A 278 13.87 -8.98 10.06
CA ALA A 278 14.18 -8.20 11.28
C ALA A 278 15.65 -8.43 11.56
N ASP A 279 16.04 -9.69 11.46
CA ASP A 279 17.45 -10.01 11.30
C ASP A 279 17.56 -10.99 10.15
PB ADP B . 4.97 3.25 -5.94
O1B ADP B . 4.80 3.53 -4.48
O2B ADP B . 5.11 1.76 -6.30
O3B ADP B . 3.90 3.88 -6.75
PA ADP B . 7.18 5.25 -5.89
O1A ADP B . 7.65 6.12 -7.04
O2A ADP B . 6.44 5.94 -4.77
O3A ADP B . 6.35 3.94 -6.46
O5' ADP B . 8.53 4.56 -5.33
C5' ADP B . 9.33 3.76 -6.25
C4' ADP B . 10.47 4.65 -6.82
O4' ADP B . 11.47 5.02 -5.85
C3' ADP B . 11.27 3.99 -7.95
O3' ADP B . 10.52 4.12 -9.17
C2' ADP B . 12.52 4.85 -8.04
O2' ADP B . 12.23 5.91 -8.94
C1' ADP B . 12.61 5.51 -6.66
N9 ADP B . 13.87 5.14 -5.97
C8 ADP B . 14.62 6.04 -5.28
N7 ADP B . 15.69 5.40 -4.72
C5 ADP B . 15.61 4.09 -5.09
C6 ADP B . 16.43 2.90 -4.90
N6 ADP B . 17.53 2.92 -4.11
N1 ADP B . 16.00 1.72 -5.44
C2 ADP B . 14.91 1.65 -6.18
N3 ADP B . 14.13 2.70 -6.41
C4 ADP B . 14.43 3.94 -5.92
CA NLG C . -0.01 9.42 -1.04
C NLG C . 0.46 10.32 -0.05
OXT NLG C . 1.47 11.04 -0.14
O NLG C . 0.18 10.55 1.07
CB NLG C . -1.13 8.43 -1.40
CG NLG C . -1.02 7.51 -2.69
CD NLG C . 0.15 6.47 -2.96
OE1 NLG C . 0.84 6.18 -2.03
OE2 NLG C . 0.41 5.98 -4.07
C7 NLG C . 0.18 10.46 -3.13
C8 NLG C . 0.74 10.33 -4.21
O7 NLG C . -0.60 11.30 -2.79
N2 NLG C . 0.42 9.62 -2.19
MG MG D . 4.95 5.44 -3.53
#